data_8BX1
#
_entry.id   8BX1
#
_cell.length_a   51.199
_cell.length_b   65.892
_cell.length_c   126.920
_cell.angle_alpha   90.00
_cell.angle_beta   90.00
_cell.angle_gamma   90.00
#
_symmetry.space_group_name_H-M   'P 21 21 21'
#
loop_
_entity.id
_entity.type
_entity.pdbx_description
1 polymer 'Transcription factor SOX-2'
2 polymer HOXB1_r
3 polymer HOXB1_f
4 polymer 'POU domain, class 5, transcription factor 1'
5 water water
#
loop_
_entity_poly.entity_id
_entity_poly.type
_entity_poly.pdbx_seq_one_letter_code
_entity_poly.pdbx_strand_id
1 'polypeptide(L)'
;GAMDRVKRPMNAFMVWSRGQRRKMAQENPKMHNSEISKRLGAEWKLLSETEKRPFIDEAKRLRALHMKEHPDYKYRPRRK
TKT
;
E
2 'polydeoxyribonucleotide'
;(DT)(DA)(DA)(DT)(DC)(DA)(DT)(DT)(DA)(DG)(DC)(DA)(DT)(DG)(DA)(DC)(DA)(DA)(DA)(DG)
(DA)(DC)
;
D
3 'polydeoxyribonucleotide'
;(DA)(DG)(DT)(DC)(DT)(DT)(DT)(DG)(DT)(DC)(DA)(DT)(DG)(DC)(DT)(DA)(DA)(DT)(DG)(DA)
(DT)(DT)
;
C
4 'polypeptide(L)'
;GAMDMKALQKELEQFAKLLKQKRITLGYTQADVGLTLGVLFGKVFSQTTISRFEALQLSLKNMSKLRPLLEKWVEEADNN
ENLQEISKSETLVQARKRKRTSIENRVRWSLETMFLKSPKPSLQQITHIANQLGLEKDVVRVWFSNRRQKGKRSS
;
A
#
# COMPACT_ATOMS: atom_id res chain seq x y z
N ASP A 4 -19.24 1.31 20.62
CA ASP A 4 -19.27 2.70 20.12
C ASP A 4 -18.10 2.96 19.13
N ARG A 5 -16.89 2.49 19.47
CA ARG A 5 -15.71 2.63 18.58
C ARG A 5 -15.91 1.80 17.31
N VAL A 6 -15.55 2.35 16.15
CA VAL A 6 -15.78 1.64 14.88
C VAL A 6 -14.62 0.69 14.60
N LYS A 7 -14.92 -0.60 14.56
CA LYS A 7 -13.91 -1.61 14.22
C LYS A 7 -13.55 -1.55 12.72
N ARG A 8 -12.43 -2.15 12.26
CA ARG A 8 -12.09 -2.31 10.86
C ARG A 8 -13.01 -3.32 10.17
N PRO A 9 -13.30 -3.22 8.86
CA PRO A 9 -14.09 -4.26 8.20
C PRO A 9 -13.27 -5.56 8.09
N MET A 10 -13.96 -6.72 7.89
CA MET A 10 -13.41 -8.08 7.96
C MET A 10 -12.99 -8.52 6.57
N ASN A 11 -11.69 -8.85 6.39
CA ASN A 11 -11.15 -9.25 5.09
C ASN A 11 -11.61 -10.69 4.79
N ALA A 12 -11.55 -11.19 3.53
CA ALA A 12 -11.96 -12.52 3.08
C ALA A 12 -11.59 -13.64 4.06
N PHE A 13 -10.29 -13.78 4.39
CA PHE A 13 -9.80 -14.82 5.29
C PHE A 13 -10.60 -14.79 6.61
N MET A 14 -10.75 -13.59 7.20
CA MET A 14 -11.39 -13.51 8.49
C MET A 14 -12.88 -13.89 8.47
N VAL A 15 -13.59 -13.50 7.39
CA VAL A 15 -14.99 -13.93 7.15
C VAL A 15 -15.05 -15.47 7.19
N TRP A 16 -14.20 -16.13 6.38
CA TRP A 16 -14.15 -17.60 6.20
C TRP A 16 -13.77 -18.24 7.51
N SER A 17 -12.76 -17.66 8.15
CA SER A 17 -12.21 -18.18 9.39
C SER A 17 -13.26 -18.18 10.51
N ARG A 18 -14.32 -17.35 10.48
CA ARG A 18 -15.36 -17.39 11.56
C ARG A 18 -16.00 -18.78 11.65
N GLY A 19 -16.70 -19.19 10.58
CA GLY A 19 -17.42 -20.47 10.47
C GLY A 19 -16.46 -21.66 10.61
N GLN A 20 -15.23 -21.57 10.01
CA GLN A 20 -14.27 -22.68 10.10
C GLN A 20 -13.74 -22.81 11.52
N ARG A 21 -13.45 -21.69 12.20
CA ARG A 21 -13.05 -21.73 13.60
C ARG A 21 -14.08 -22.49 14.41
N ARG A 22 -15.41 -22.26 14.21
CA ARG A 22 -16.44 -22.88 15.05
C ARG A 22 -16.43 -24.42 14.89
N LYS A 23 -16.29 -24.88 13.63
CA LYS A 23 -16.31 -26.29 13.24
C LYS A 23 -15.04 -26.98 13.77
N MET A 24 -13.87 -26.30 13.67
CA MET A 24 -12.63 -26.90 14.15
C MET A 24 -12.61 -26.95 15.68
N ALA A 25 -13.29 -26.01 16.35
CA ALA A 25 -13.41 -26.07 17.80
C ALA A 25 -14.30 -27.28 18.18
N GLN A 26 -15.36 -27.55 17.41
CA GLN A 26 -16.30 -28.65 17.66
C GLN A 26 -15.55 -29.99 17.47
N GLU A 27 -14.84 -30.17 16.33
CA GLU A 27 -14.01 -31.34 16.00
C GLU A 27 -12.91 -31.55 17.07
N ASN A 28 -12.27 -30.48 17.61
CA ASN A 28 -11.13 -30.58 18.51
C ASN A 28 -11.36 -29.66 19.70
N PRO A 29 -12.24 -30.00 20.67
CA PRO A 29 -12.70 -29.10 21.72
C PRO A 29 -11.64 -28.64 22.74
N LYS A 30 -10.46 -29.27 22.79
CA LYS A 30 -9.35 -28.82 23.65
C LYS A 30 -8.47 -27.81 22.91
N MET A 31 -8.59 -27.70 21.57
CA MET A 31 -7.59 -26.96 20.78
C MET A 31 -7.65 -25.47 21.14
N HIS A 32 -6.50 -24.86 21.44
CA HIS A 32 -6.39 -23.42 21.68
C HIS A 32 -6.70 -22.66 20.39
N ASN A 33 -7.33 -21.47 20.50
CA ASN A 33 -7.64 -20.60 19.37
C ASN A 33 -6.34 -20.24 18.63
N SER A 34 -5.24 -20.09 19.37
CA SER A 34 -3.91 -19.87 18.76
C SER A 34 -3.62 -20.95 17.71
N GLU A 35 -3.88 -22.22 18.01
CA GLU A 35 -3.54 -23.36 17.13
C GLU A 35 -4.57 -23.47 16.01
N ILE A 36 -5.87 -23.28 16.30
CA ILE A 36 -6.89 -23.20 15.25
C ILE A 36 -6.41 -22.24 14.17
N SER A 37 -5.88 -21.08 14.56
CA SER A 37 -5.49 -20.01 13.64
C SER A 37 -4.41 -20.51 12.68
N LYS A 38 -3.39 -21.25 13.14
CA LYS A 38 -2.31 -21.74 12.30
C LYS A 38 -2.91 -22.67 11.24
N ARG A 39 -3.88 -23.49 11.69
CA ARG A 39 -4.47 -24.52 10.83
C ARG A 39 -5.36 -23.88 9.80
N LEU A 40 -6.08 -22.79 10.17
CA LEU A 40 -6.93 -22.08 9.22
C LEU A 40 -6.10 -21.36 8.15
N GLY A 41 -4.99 -20.72 8.54
CA GLY A 41 -3.97 -20.17 7.63
C GLY A 41 -3.53 -21.18 6.57
N ALA A 42 -3.13 -22.39 7.05
CA ALA A 42 -2.68 -23.46 6.17
C ALA A 42 -3.81 -23.89 5.24
N GLU A 43 -5.05 -24.00 5.74
CA GLU A 43 -6.17 -24.45 4.91
C GLU A 43 -6.47 -23.38 3.87
N TRP A 44 -6.47 -22.09 4.26
CA TRP A 44 -6.82 -21.00 3.34
C TRP A 44 -5.80 -20.92 2.19
N LYS A 45 -4.48 -21.06 2.47
CA LYS A 45 -3.44 -21.06 1.43
C LYS A 45 -3.73 -22.10 0.36
N LEU A 46 -4.27 -23.29 0.74
CA LEU A 46 -4.60 -24.37 -0.18
C LEU A 46 -5.89 -24.11 -0.95
N LEU A 47 -6.90 -23.37 -0.45
CA LEU A 47 -8.18 -23.18 -1.20
C LEU A 47 -7.88 -22.62 -2.61
N SER A 48 -8.62 -23.10 -3.63
CA SER A 48 -8.55 -22.61 -5.01
C SER A 48 -9.18 -21.22 -5.08
N GLU A 49 -9.03 -20.54 -6.23
CA GLU A 49 -9.54 -19.18 -6.43
C GLU A 49 -11.08 -19.23 -6.45
N THR A 50 -11.62 -20.31 -6.99
CA THR A 50 -13.06 -20.52 -7.06
C THR A 50 -13.61 -20.71 -5.64
N GLU A 51 -12.90 -21.48 -4.78
CA GLU A 51 -13.32 -21.76 -3.40
C GLU A 51 -13.28 -20.48 -2.56
N LYS A 52 -12.40 -19.50 -2.90
CA LYS A 52 -12.24 -18.28 -2.09
C LYS A 52 -13.29 -17.21 -2.46
N ARG A 53 -13.74 -17.22 -3.72
CA ARG A 53 -14.58 -16.19 -4.33
C ARG A 53 -15.75 -15.81 -3.43
N PRO A 54 -16.55 -16.73 -2.83
CA PRO A 54 -17.70 -16.30 -2.04
C PRO A 54 -17.27 -15.46 -0.84
N PHE A 55 -16.10 -15.76 -0.27
CA PHE A 55 -15.55 -15.08 0.89
C PHE A 55 -14.95 -13.74 0.43
N ILE A 56 -14.37 -13.67 -0.79
CA ILE A 56 -13.76 -12.42 -1.30
C ILE A 56 -14.86 -11.34 -1.52
N ASP A 57 -15.97 -11.75 -2.14
CA ASP A 57 -17.16 -10.96 -2.41
C ASP A 57 -17.85 -10.55 -1.10
N GLU A 58 -17.92 -11.43 -0.10
CA GLU A 58 -18.48 -10.99 1.19
C GLU A 58 -17.62 -9.85 1.78
N ALA A 59 -16.28 -9.95 1.71
CA ALA A 59 -15.43 -8.89 2.26
C ALA A 59 -15.59 -7.56 1.49
N LYS A 60 -15.69 -7.62 0.16
CA LYS A 60 -15.96 -6.49 -0.72
C LYS A 60 -17.26 -5.83 -0.23
N ARG A 61 -18.33 -6.64 -0.16
CA ARG A 61 -19.66 -6.20 0.28
C ARG A 61 -19.57 -5.53 1.66
N LEU A 62 -18.80 -6.09 2.61
CA LEU A 62 -18.69 -5.50 3.96
C LEU A 62 -17.88 -4.19 3.99
N ARG A 63 -16.95 -4.02 3.04
CA ARG A 63 -16.19 -2.78 2.94
C ARG A 63 -17.14 -1.69 2.45
N ALA A 64 -17.87 -1.96 1.39
CA ALA A 64 -18.87 -1.02 0.85
C ALA A 64 -19.89 -0.57 1.94
N LEU A 65 -20.43 -1.54 2.72
CA LEU A 65 -21.38 -1.25 3.81
C LEU A 65 -20.69 -0.41 4.91
N HIS A 66 -19.48 -0.82 5.31
CA HIS A 66 -18.65 -0.05 6.24
C HIS A 66 -18.65 1.44 5.89
N MET A 67 -18.46 1.80 4.60
CA MET A 67 -18.46 3.16 4.09
C MET A 67 -19.86 3.79 4.32
N LYS A 68 -20.92 3.07 3.94
CA LYS A 68 -22.26 3.62 4.09
C LYS A 68 -22.53 3.88 5.58
N GLU A 69 -22.15 2.93 6.47
CA GLU A 69 -22.43 3.05 7.90
C GLU A 69 -21.59 4.17 8.49
N HIS A 70 -20.38 4.39 7.98
CA HIS A 70 -19.37 5.20 8.64
C HIS A 70 -18.69 6.02 7.56
N PRO A 71 -19.38 7.06 7.02
CA PRO A 71 -18.87 7.86 5.90
C PRO A 71 -17.53 8.58 6.21
N ASP A 72 -17.30 8.94 7.48
CA ASP A 72 -16.11 9.71 7.85
C ASP A 72 -15.02 8.86 8.50
N TYR A 73 -15.09 7.50 8.36
CA TYR A 73 -14.19 6.55 9.01
C TYR A 73 -12.80 6.64 8.32
N LYS A 74 -11.77 6.72 9.15
CA LYS A 74 -10.35 6.62 8.79
C LYS A 74 -9.70 5.60 9.75
N TYR A 75 -9.07 4.54 9.21
CA TYR A 75 -8.23 3.60 9.98
C TYR A 75 -7.07 4.39 10.62
N ARG A 76 -7.05 4.43 11.96
CA ARG A 76 -6.07 5.16 12.82
C ARG A 76 -5.34 4.21 13.78
N PRO A 77 -4.39 3.37 13.33
CA PRO A 77 -3.75 2.40 14.23
C PRO A 77 -2.92 3.17 15.27
N ARG A 78 -2.81 2.61 16.48
CA ARG A 78 -1.94 3.12 17.54
C ARG A 78 -0.49 2.67 17.30
N ARG A 79 0.44 3.61 17.08
CA ARG A 79 1.88 3.32 17.09
C ARG A 79 2.28 3.06 18.57
N LYS A 80 3.27 2.17 18.80
CA LYS A 80 3.85 1.92 20.13
C LYS A 80 4.31 3.22 20.86
N GLY D 1 -1.04 31.67 -8.02
CA GLY D 1 -1.16 32.43 -6.78
C GLY D 1 -2.14 31.72 -5.82
N ALA D 2 -2.55 32.47 -4.77
CA ALA D 2 -3.32 31.99 -3.61
C ALA D 2 -4.72 31.48 -4.01
N MET D 3 -5.33 32.16 -4.99
CA MET D 3 -6.64 31.85 -5.53
C MET D 3 -6.57 30.51 -6.27
N ASP D 4 -5.51 30.27 -7.04
CA ASP D 4 -5.27 29.07 -7.84
C ASP D 4 -4.99 27.88 -6.93
N MET D 5 -4.29 28.14 -5.80
CA MET D 5 -3.95 27.24 -4.70
C MET D 5 -5.21 26.70 -3.97
N LYS D 6 -6.04 27.58 -3.37
CA LYS D 6 -7.29 27.25 -2.65
C LYS D 6 -8.22 26.41 -3.54
N ALA D 7 -8.33 26.83 -4.83
CA ALA D 7 -9.21 26.18 -5.80
C ALA D 7 -8.68 24.77 -6.13
N LEU D 8 -7.37 24.63 -6.38
CA LEU D 8 -6.75 23.34 -6.72
C LEU D 8 -6.88 22.40 -5.51
N GLN D 9 -6.63 22.92 -4.29
CA GLN D 9 -6.77 22.20 -3.01
C GLN D 9 -8.18 21.61 -2.86
N LYS D 10 -9.24 22.47 -2.96
CA LYS D 10 -10.64 22.07 -2.84
C LYS D 10 -10.95 21.04 -3.93
N GLU D 11 -10.41 21.21 -5.16
CA GLU D 11 -10.63 20.26 -6.24
C GLU D 11 -10.13 18.86 -5.84
N LEU D 12 -8.96 18.77 -5.21
CA LEU D 12 -8.38 17.46 -4.93
C LEU D 12 -8.99 16.80 -3.69
N GLU D 13 -9.23 17.56 -2.59
CA GLU D 13 -9.95 17.04 -1.42
C GLU D 13 -11.23 16.32 -1.85
N GLN D 14 -11.84 16.89 -2.89
CA GLN D 14 -13.11 16.49 -3.46
C GLN D 14 -12.93 15.25 -4.34
N PHE D 15 -11.89 15.19 -5.20
CA PHE D 15 -11.66 14.07 -6.14
C PHE D 15 -11.17 12.85 -5.37
N ALA D 16 -10.28 13.08 -4.38
CA ALA D 16 -9.75 12.02 -3.54
C ALA D 16 -10.90 11.27 -2.80
N LYS D 17 -11.89 12.04 -2.31
CA LYS D 17 -13.07 11.47 -1.67
C LYS D 17 -13.86 10.65 -2.70
N LEU D 18 -14.06 11.14 -3.96
CA LEU D 18 -14.70 10.35 -5.03
C LEU D 18 -13.92 9.07 -5.34
N LEU D 19 -12.60 9.21 -5.50
CA LEU D 19 -11.74 8.07 -5.77
C LEU D 19 -11.95 6.99 -4.69
N LYS D 20 -11.89 7.35 -3.40
CA LYS D 20 -12.07 6.40 -2.30
C LYS D 20 -13.46 5.72 -2.38
N GLN D 21 -14.56 6.50 -2.55
CA GLN D 21 -15.91 5.94 -2.62
C GLN D 21 -16.01 5.01 -3.83
N LYS D 22 -15.43 5.39 -4.98
CA LYS D 22 -15.61 4.58 -6.17
C LYS D 22 -14.85 3.26 -5.98
N ARG D 23 -13.57 3.31 -5.56
CA ARG D 23 -12.82 2.06 -5.41
C ARG D 23 -13.50 1.15 -4.38
N ILE D 24 -14.15 1.68 -3.34
CA ILE D 24 -14.83 0.83 -2.34
C ILE D 24 -16.09 0.24 -2.98
N THR D 25 -17.02 1.02 -3.57
CA THR D 25 -18.26 0.46 -4.14
C THR D 25 -17.98 -0.55 -5.28
N LEU D 26 -16.78 -0.53 -5.88
CA LEU D 26 -16.36 -1.44 -6.95
C LEU D 26 -15.56 -2.64 -6.42
N GLY D 27 -15.30 -2.72 -5.10
CA GLY D 27 -14.63 -3.85 -4.45
C GLY D 27 -13.10 -3.92 -4.68
N TYR D 28 -12.40 -2.78 -4.84
CA TYR D 28 -10.95 -2.72 -5.07
C TYR D 28 -10.21 -2.30 -3.81
N THR D 29 -9.07 -2.97 -3.54
CA THR D 29 -8.10 -2.52 -2.56
C THR D 29 -7.29 -1.34 -3.11
N GLN D 30 -6.68 -0.51 -2.27
CA GLN D 30 -5.57 0.36 -2.71
C GLN D 30 -4.54 -0.39 -3.58
N ALA D 31 -4.04 -1.56 -3.13
CA ALA D 31 -3.11 -2.39 -3.88
C ALA D 31 -3.61 -2.64 -5.31
N ASP D 32 -4.87 -3.12 -5.46
CA ASP D 32 -5.51 -3.44 -6.73
C ASP D 32 -5.44 -2.24 -7.67
N VAL D 33 -5.74 -1.01 -7.16
CA VAL D 33 -5.77 0.22 -7.95
C VAL D 33 -4.37 0.52 -8.51
N GLY D 34 -3.36 0.43 -7.66
CA GLY D 34 -1.97 0.65 -8.07
C GLY D 34 -1.64 -0.35 -9.17
N LEU D 35 -2.00 -1.64 -9.01
CA LEU D 35 -1.63 -2.72 -9.93
C LEU D 35 -2.35 -2.55 -11.27
N THR D 36 -3.57 -2.03 -11.21
CA THR D 36 -4.49 -1.98 -12.34
C THR D 36 -4.23 -0.69 -13.18
N LEU D 37 -3.69 0.38 -12.56
CA LEU D 37 -3.05 1.49 -13.29
C LEU D 37 -1.93 0.95 -14.17
N GLY D 38 -1.18 -0.04 -13.67
CA GLY D 38 -0.11 -0.74 -14.35
C GLY D 38 -0.59 -1.51 -15.58
N VAL D 39 -1.79 -2.09 -15.51
CA VAL D 39 -2.34 -2.89 -16.60
C VAL D 39 -2.84 -1.96 -17.72
N LEU D 40 -3.44 -0.82 -17.37
CA LEU D 40 -4.14 0.04 -18.32
C LEU D 40 -3.23 1.16 -18.87
N PHE D 41 -2.11 1.55 -18.21
CA PHE D 41 -1.10 2.46 -18.76
C PHE D 41 0.34 1.91 -18.74
N GLY D 42 0.55 0.64 -18.33
CA GLY D 42 1.89 0.09 -18.13
C GLY D 42 2.67 0.80 -17.02
N LYS D 43 2.03 1.53 -16.09
CA LYS D 43 2.71 2.32 -15.03
C LYS D 43 2.13 1.98 -13.65
N VAL D 44 2.78 1.01 -12.93
CA VAL D 44 2.32 0.55 -11.61
C VAL D 44 2.56 1.63 -10.58
N PHE D 45 1.61 1.76 -9.64
CA PHE D 45 1.79 2.48 -8.39
C PHE D 45 1.56 1.48 -7.24
N SER D 46 2.25 1.76 -6.13
CA SER D 46 2.24 0.96 -4.92
C SER D 46 1.02 1.36 -4.08
N GLN D 47 0.55 0.43 -3.26
CA GLN D 47 -0.51 0.63 -2.27
C GLN D 47 -0.26 1.94 -1.51
N THR D 48 1.01 2.20 -1.21
CA THR D 48 1.47 3.33 -0.37
C THR D 48 1.04 4.66 -0.99
N THR D 49 1.32 4.88 -2.29
CA THR D 49 1.07 6.17 -2.93
C THR D 49 -0.45 6.32 -3.09
N ILE D 50 -1.17 5.20 -3.19
CA ILE D 50 -2.63 5.29 -3.17
C ILE D 50 -3.16 5.63 -1.77
N SER D 51 -2.56 5.09 -0.72
CA SER D 51 -2.92 5.52 0.65
C SER D 51 -2.69 7.03 0.80
N ARG D 52 -1.54 7.53 0.35
CA ARG D 52 -1.16 8.95 0.50
C ARG D 52 -1.98 9.86 -0.41
N PHE D 53 -2.36 9.41 -1.60
CA PHE D 53 -3.24 10.24 -2.41
C PHE D 53 -4.57 10.44 -1.69
N GLU D 54 -5.17 9.34 -1.17
CA GLU D 54 -6.52 9.40 -0.58
C GLU D 54 -6.54 10.19 0.72
N ALA D 55 -5.49 10.14 1.52
CA ALA D 55 -5.34 10.96 2.74
C ALA D 55 -4.84 12.42 2.50
N LEU D 56 -4.54 12.90 1.24
CA LEU D 56 -4.09 14.29 0.91
C LEU D 56 -2.75 14.66 1.54
N GLN D 57 -1.90 13.63 1.63
CA GLN D 57 -0.57 13.68 2.22
C GLN D 57 0.53 13.69 1.16
N LEU D 58 0.16 13.56 -0.12
CA LEU D 58 1.07 13.89 -1.20
C LEU D 58 1.04 15.41 -1.34
N SER D 59 2.12 15.97 -1.93
CA SER D 59 2.19 17.33 -2.47
C SER D 59 1.08 17.58 -3.51
N LEU D 60 0.52 18.81 -3.50
CA LEU D 60 -0.48 19.30 -4.46
C LEU D 60 0.04 19.21 -5.91
N LYS D 61 1.35 19.43 -6.12
CA LYS D 61 1.98 19.17 -7.43
C LYS D 61 1.85 17.66 -7.75
N ASN D 62 2.11 16.77 -6.77
CA ASN D 62 2.08 15.31 -6.93
C ASN D 62 0.64 14.83 -7.17
N MET D 63 -0.29 15.33 -6.39
CA MET D 63 -1.71 15.02 -6.57
C MET D 63 -2.15 15.43 -7.99
N SER D 64 -1.75 16.62 -8.46
CA SER D 64 -2.16 17.11 -9.78
C SER D 64 -1.59 16.21 -10.87
N LYS D 65 -0.34 15.74 -10.72
CA LYS D 65 0.28 14.86 -11.70
C LYS D 65 -0.45 13.53 -11.76
N LEU D 66 -0.88 12.99 -10.61
CA LEU D 66 -1.50 11.67 -10.58
C LEU D 66 -3.00 11.70 -10.85
N ARG D 67 -3.68 12.82 -10.60
CA ARG D 67 -5.13 12.88 -10.71
C ARG D 67 -5.62 12.45 -12.09
N PRO D 68 -5.03 12.89 -13.24
CA PRO D 68 -5.48 12.42 -14.54
C PRO D 68 -5.42 10.91 -14.69
N LEU D 69 -4.33 10.28 -14.24
CA LEU D 69 -4.21 8.83 -14.41
C LEU D 69 -5.35 8.16 -13.65
N LEU D 70 -5.64 8.65 -12.43
CA LEU D 70 -6.67 8.09 -11.58
C LEU D 70 -8.07 8.36 -12.14
N GLU D 71 -8.30 9.53 -12.77
CA GLU D 71 -9.60 9.83 -13.37
C GLU D 71 -9.83 8.83 -14.51
N LYS D 72 -8.77 8.51 -15.27
CA LYS D 72 -8.90 7.47 -16.30
C LYS D 72 -9.26 6.11 -15.68
N TRP D 73 -8.68 5.79 -14.49
CA TRP D 73 -8.97 4.57 -13.73
C TRP D 73 -10.48 4.54 -13.38
N VAL D 74 -10.99 5.63 -12.78
CA VAL D 74 -12.40 5.80 -12.40
C VAL D 74 -13.28 5.52 -13.64
N GLU D 75 -12.96 6.19 -14.78
CA GLU D 75 -13.68 6.05 -16.04
C GLU D 75 -13.82 4.56 -16.37
N GLU D 76 -12.71 3.84 -16.66
CA GLU D 76 -12.73 2.44 -17.12
C GLU D 76 -13.49 1.51 -16.16
N ALA D 77 -13.44 1.80 -14.84
CA ALA D 77 -14.02 0.97 -13.77
C ALA D 77 -15.55 1.03 -13.83
N ASP D 78 -16.16 2.24 -13.96
CA ASP D 78 -17.59 2.41 -14.27
C ASP D 78 -17.97 1.82 -15.65
N ASN D 79 -17.00 1.34 -16.48
CA ASN D 79 -17.06 1.18 -17.95
C ASN D 79 -17.46 2.48 -18.65
N ASN D 105 22.62 -2.98 5.47
CA ASN D 105 23.75 -3.10 6.41
C ASN D 105 24.91 -3.84 5.73
N ARG D 106 26.11 -3.80 6.33
CA ARG D 106 27.37 -4.40 5.85
C ARG D 106 27.86 -3.65 4.60
N VAL D 107 27.07 -3.66 3.49
CA VAL D 107 27.32 -2.80 2.32
C VAL D 107 27.23 -1.31 2.77
N ARG D 108 26.24 -0.95 3.59
CA ARG D 108 26.09 0.39 4.16
C ARG D 108 27.31 0.74 5.00
N TRP D 109 27.80 -0.23 5.81
CA TRP D 109 28.97 -0.01 6.64
C TRP D 109 30.15 0.40 5.74
N SER D 110 30.38 -0.37 4.66
CA SER D 110 31.46 -0.13 3.71
C SER D 110 31.33 1.26 3.11
N LEU D 111 30.10 1.65 2.74
CA LEU D 111 29.86 2.92 2.05
C LEU D 111 30.04 4.08 3.04
N GLU D 112 29.64 3.92 4.31
CA GLU D 112 29.82 4.93 5.36
C GLU D 112 31.32 5.26 5.52
N THR D 113 32.16 4.23 5.63
CA THR D 113 33.60 4.41 5.87
C THR D 113 34.27 5.09 4.68
N MET D 114 33.78 4.88 3.45
CA MET D 114 34.32 5.62 2.31
C MET D 114 33.81 7.07 2.40
N PHE D 115 32.56 7.25 2.83
CA PHE D 115 31.97 8.59 2.89
C PHE D 115 32.80 9.40 3.86
N LEU D 116 33.16 8.76 4.98
CA LEU D 116 33.90 9.49 6.01
C LEU D 116 35.25 9.97 5.43
N LYS D 117 35.98 9.07 4.74
CA LYS D 117 37.27 9.43 4.14
C LYS D 117 37.12 10.33 2.91
N SER D 118 36.07 10.15 2.10
CA SER D 118 35.90 10.90 0.85
C SER D 118 34.42 11.17 0.56
N PRO D 119 33.84 12.28 1.06
CA PRO D 119 32.40 12.53 0.93
C PRO D 119 31.97 12.63 -0.53
N LYS D 120 32.67 13.41 -1.36
CA LYS D 120 32.42 13.43 -2.82
C LYS D 120 33.46 12.50 -3.40
N PRO D 121 33.15 11.28 -3.86
CA PRO D 121 34.20 10.34 -4.20
C PRO D 121 34.71 10.47 -5.64
N SER D 122 35.92 9.97 -5.91
CA SER D 122 36.47 9.97 -7.27
C SER D 122 35.70 8.95 -8.11
N LEU D 123 35.63 9.21 -9.42
CA LEU D 123 34.93 8.32 -10.33
C LEU D 123 35.51 6.91 -10.23
N GLN D 124 36.84 6.81 -10.09
CA GLN D 124 37.53 5.52 -10.03
C GLN D 124 37.17 4.80 -8.73
N GLN D 125 37.17 5.55 -7.60
CA GLN D 125 36.80 4.96 -6.31
C GLN D 125 35.40 4.37 -6.44
N ILE D 126 34.49 5.12 -7.07
CA ILE D 126 33.09 4.70 -7.20
C ILE D 126 33.03 3.35 -7.92
N THR D 127 33.76 3.21 -9.04
CA THR D 127 33.68 1.99 -9.84
C THR D 127 34.24 0.82 -9.01
N HIS D 128 35.42 1.05 -8.41
CA HIS D 128 36.06 0.04 -7.54
C HIS D 128 35.00 -0.50 -6.56
N ILE D 129 34.38 0.36 -5.73
CA ILE D 129 33.49 -0.10 -4.65
C ILE D 129 32.25 -0.81 -5.24
N ALA D 130 31.72 -0.34 -6.38
CA ALA D 130 30.59 -0.97 -7.07
C ALA D 130 30.91 -2.44 -7.42
N ASN D 131 31.98 -2.72 -8.19
CA ASN D 131 32.36 -4.11 -8.53
C ASN D 131 32.78 -4.88 -7.26
N GLN D 132 33.43 -4.20 -6.28
CA GLN D 132 33.89 -4.80 -5.00
C GLN D 132 32.71 -5.34 -4.17
N LEU D 133 31.60 -4.59 -4.06
CA LEU D 133 30.40 -4.96 -3.29
C LEU D 133 29.30 -5.58 -4.18
N GLY D 134 29.54 -5.75 -5.50
CA GLY D 134 28.58 -6.29 -6.47
C GLY D 134 27.34 -5.40 -6.63
N LEU D 135 27.56 -4.08 -6.85
CA LEU D 135 26.58 -3.04 -7.22
C LEU D 135 27.00 -2.42 -8.56
N GLU D 136 26.14 -1.61 -9.22
CA GLU D 136 26.57 -0.76 -10.36
C GLU D 136 26.89 0.63 -9.81
N LYS D 137 27.65 1.41 -10.60
CA LYS D 137 28.05 2.80 -10.34
C LYS D 137 26.88 3.67 -9.87
N ASP D 138 25.76 3.60 -10.61
CA ASP D 138 24.61 4.53 -10.54
C ASP D 138 24.10 4.57 -9.10
N VAL D 139 23.91 3.37 -8.52
CA VAL D 139 23.41 3.15 -7.16
C VAL D 139 24.36 3.86 -6.20
N VAL D 140 25.68 3.62 -6.39
CA VAL D 140 26.75 4.08 -5.52
C VAL D 140 26.77 5.62 -5.51
N ARG D 141 26.83 6.25 -6.68
CA ARG D 141 26.89 7.72 -6.81
C ARG D 141 25.64 8.36 -6.17
N VAL D 142 24.45 7.78 -6.41
CA VAL D 142 23.15 8.19 -5.81
C VAL D 142 23.21 8.04 -4.29
N TRP D 143 23.69 6.90 -3.79
CA TRP D 143 23.85 6.71 -2.33
C TRP D 143 24.64 7.89 -1.74
N PHE D 144 25.77 8.24 -2.36
CA PHE D 144 26.61 9.30 -1.82
C PHE D 144 25.83 10.63 -1.83
N SER D 145 25.18 10.97 -2.95
CA SER D 145 24.33 12.17 -2.99
C SER D 145 23.28 12.14 -1.88
N ASN D 146 22.54 11.04 -1.75
CA ASN D 146 21.49 11.02 -0.72
C ASN D 146 22.15 11.31 0.64
N ARG D 147 23.27 10.64 0.95
CA ARG D 147 24.02 10.83 2.19
C ARG D 147 24.52 12.28 2.31
N ARG D 148 25.07 12.86 1.25
CA ARG D 148 25.48 14.26 1.41
C ARG D 148 24.28 15.08 1.91
N GLN D 149 23.11 14.94 1.28
CA GLN D 149 21.95 15.76 1.63
C GLN D 149 21.49 15.54 3.09
N LYS D 150 21.96 14.47 3.74
CA LYS D 150 21.49 14.06 5.07
C LYS D 150 22.10 14.97 6.17
N GLY D 151 23.18 15.73 5.86
CA GLY D 151 23.76 16.77 6.73
C GLY D 151 22.82 17.98 6.95
N LYS D 152 22.35 18.21 8.19
CA LYS D 152 21.34 19.21 8.58
C LYS D 152 21.60 19.69 10.03
#